data_1V9C
#
_entry.id   1V9C
#
_cell.length_a   54.571
_cell.length_b   67.822
_cell.length_c   56.697
_cell.angle_alpha   90.00
_cell.angle_beta   113.00
_cell.angle_gamma   90.00
#
_symmetry.space_group_name_H-M   'P 1 21 1'
#
loop_
_entity.id
_entity.type
_entity.pdbx_description
1 polymer 'Precorrin-8x Methyl Mutase'
2 non-polymer 'SULFATE ION'
3 non-polymer 'CHLORIDE ION'
4 water water
#
_entity_poly.entity_id   1
_entity_poly.type   'polypeptide(L)'
_entity_poly.pdbx_seq_one_letter_code
;MTEKGRAIEEESFRIVDQEAGPHGFSPLEWPVVRRMIHATADFEYKALTRFSQGAVEAGLKAIQAGARILVDARMIACGL
NPERLRLFGNEVVELLAHPEVVARAKATGGTRAEAAVAYAWEKGLLDGAIVGVGNAPTFLLALVEAIRQGARPALVLGMP
VGFVNVLEAKRALMEAPVPWIVTEGRKGGSTLVVAALHALIRLAADGGVDTSRAYREG
;
_entity_poly.pdbx_strand_id   A,B
#
loop_
_chem_comp.id
_chem_comp.type
_chem_comp.name
_chem_comp.formula
CL non-polymer 'CHLORIDE ION' 'Cl -1'
SO4 non-polymer 'SULFATE ION' 'O4 S -2'
#
# COMPACT_ATOMS: atom_id res chain seq x y z
N ARG A 6 -10.33 10.44 13.25
CA ARG A 6 -10.60 11.86 13.63
C ARG A 6 -10.74 12.79 12.42
N ALA A 7 -10.76 14.09 12.70
CA ALA A 7 -10.87 15.11 11.67
C ALA A 7 -9.54 15.33 10.99
N ILE A 8 -8.52 14.63 11.46
CA ILE A 8 -7.17 14.73 10.90
C ILE A 8 -7.31 14.60 9.39
N GLU A 9 -8.23 13.75 8.98
CA GLU A 9 -8.50 13.49 7.57
C GLU A 9 -8.80 14.84 6.91
N GLU A 10 -9.72 15.59 7.53
CA GLU A 10 -10.13 16.90 7.03
C GLU A 10 -8.97 17.88 6.91
N GLU A 11 -8.25 18.08 8.01
CA GLU A 11 -7.12 19.02 8.01
C GLU A 11 -6.01 18.61 7.04
N SER A 12 -5.86 17.31 6.85
CA SER A 12 -4.85 16.79 5.94
C SER A 12 -5.21 17.21 4.52
N PHE A 13 -6.49 17.12 4.18
CA PHE A 13 -6.95 17.48 2.85
C PHE A 13 -6.79 18.99 2.65
N ARG A 14 -6.97 19.74 3.73
CA ARG A 14 -6.83 21.19 3.71
C ARG A 14 -5.41 21.51 3.28
N ILE A 15 -4.45 20.87 3.95
CA ILE A 15 -3.05 21.07 3.66
C ILE A 15 -2.77 20.67 2.22
N VAL A 16 -3.40 19.58 1.78
CA VAL A 16 -3.24 19.09 0.42
C VAL A 16 -3.70 20.10 -0.62
N ASP A 17 -4.93 20.59 -0.49
CA ASP A 17 -5.44 21.56 -1.46
C ASP A 17 -4.50 22.77 -1.44
N GLN A 18 -4.44 23.42 -0.29
CA GLN A 18 -3.59 24.59 -0.10
C GLN A 18 -2.20 24.43 -0.72
N GLU A 19 -1.60 23.26 -0.50
CA GLU A 19 -0.26 22.98 -0.98
C GLU A 19 -0.21 22.39 -2.40
N ALA A 20 -1.35 21.92 -2.90
CA ALA A 20 -1.44 21.32 -4.22
C ALA A 20 -0.83 22.17 -5.34
N GLY A 21 -1.20 23.45 -5.36
CA GLY A 21 -0.68 24.33 -6.38
C GLY A 21 -1.68 24.46 -7.53
N PRO A 22 -1.20 24.62 -8.76
CA PRO A 22 -2.06 24.74 -9.95
C PRO A 22 -2.60 23.40 -10.42
N HIS A 23 -3.90 23.19 -10.28
CA HIS A 23 -4.51 21.93 -10.71
C HIS A 23 -5.77 22.11 -11.54
N GLY A 24 -5.88 21.35 -12.62
CA GLY A 24 -7.04 21.45 -13.48
C GLY A 24 -7.81 20.15 -13.58
N PHE A 25 -8.71 19.94 -12.62
CA PHE A 25 -9.53 18.73 -12.59
C PHE A 25 -10.97 19.10 -12.23
N SER A 26 -11.93 18.48 -12.93
CA SER A 26 -13.34 18.76 -12.68
C SER A 26 -13.69 18.58 -11.21
N PRO A 27 -14.65 19.37 -10.70
CA PRO A 27 -15.06 19.30 -9.31
C PRO A 27 -15.22 17.86 -8.80
N LEU A 28 -15.58 16.95 -9.69
CA LEU A 28 -15.76 15.54 -9.31
C LEU A 28 -14.49 14.69 -9.33
N GLU A 29 -13.48 15.09 -10.10
CA GLU A 29 -12.27 14.29 -10.16
C GLU A 29 -11.11 14.80 -9.32
N TRP A 30 -11.17 16.05 -8.88
CA TRP A 30 -10.10 16.56 -8.06
C TRP A 30 -10.08 15.75 -6.75
N PRO A 31 -11.25 15.52 -6.15
CA PRO A 31 -11.35 14.75 -4.90
C PRO A 31 -10.64 13.39 -4.98
N VAL A 32 -10.56 12.83 -6.19
CA VAL A 32 -9.88 11.56 -6.42
C VAL A 32 -8.37 11.78 -6.36
N VAL A 33 -7.90 12.80 -7.05
CA VAL A 33 -6.48 13.09 -7.09
C VAL A 33 -5.93 13.54 -5.73
N ARG A 34 -6.75 14.30 -5.00
CA ARG A 34 -6.38 14.82 -3.70
C ARG A 34 -6.09 13.65 -2.78
N ARG A 35 -7.04 12.73 -2.72
CA ARG A 35 -6.95 11.55 -1.89
C ARG A 35 -5.70 10.72 -2.21
N MET A 36 -5.36 10.66 -3.49
CA MET A 36 -4.20 9.90 -3.95
C MET A 36 -2.93 10.58 -3.49
N ILE A 37 -2.93 11.91 -3.53
CA ILE A 37 -1.79 12.72 -3.09
C ILE A 37 -1.67 12.51 -1.58
N HIS A 38 -2.81 12.64 -0.93
CA HIS A 38 -2.89 12.50 0.52
C HIS A 38 -2.34 11.17 1.01
N ALA A 39 -2.61 10.10 0.25
CA ALA A 39 -2.19 8.76 0.64
C ALA A 39 -0.72 8.47 0.40
N THR A 40 -0.06 9.29 -0.42
CA THR A 40 1.35 9.09 -0.73
C THR A 40 2.31 10.25 -0.37
N ALA A 41 1.78 11.41 -0.03
CA ALA A 41 2.59 12.60 0.23
C ALA A 41 3.45 12.84 -1.03
N ASP A 42 2.89 12.51 -2.19
CA ASP A 42 3.58 12.67 -3.46
C ASP A 42 2.71 13.54 -4.38
N PHE A 43 3.03 14.84 -4.46
CA PHE A 43 2.28 15.78 -5.28
C PHE A 43 2.37 15.53 -6.79
N GLU A 44 3.34 14.73 -7.19
CA GLU A 44 3.51 14.38 -8.59
C GLU A 44 2.26 13.69 -9.17
N TYR A 45 1.34 13.27 -8.32
CA TYR A 45 0.14 12.62 -8.85
C TYR A 45 -0.80 13.63 -9.48
N LYS A 46 -0.62 14.90 -9.13
CA LYS A 46 -1.46 15.97 -9.69
C LYS A 46 -1.24 16.02 -11.20
N ALA A 47 -0.04 15.63 -11.62
CA ALA A 47 0.36 15.62 -13.02
C ALA A 47 0.21 14.26 -13.68
N LEU A 48 0.42 13.19 -12.92
CA LEU A 48 0.35 11.85 -13.47
C LEU A 48 -1.03 11.22 -13.63
N THR A 49 -1.97 11.58 -12.77
CA THR A 49 -3.30 10.98 -12.82
C THR A 49 -4.18 11.46 -13.97
N ARG A 50 -4.42 10.57 -14.92
CA ARG A 50 -5.24 10.87 -16.09
C ARG A 50 -6.59 10.19 -16.02
N PHE A 51 -7.63 10.91 -16.45
CA PHE A 51 -8.98 10.39 -16.47
C PHE A 51 -9.48 10.39 -17.91
N SER A 52 -10.43 9.51 -18.20
CA SER A 52 -11.03 9.45 -19.53
C SER A 52 -12.29 10.29 -19.39
N GLN A 53 -13.09 10.37 -20.45
CA GLN A 53 -14.32 11.15 -20.39
C GLN A 53 -15.34 10.43 -19.50
N GLY A 54 -15.87 11.16 -18.52
CA GLY A 54 -16.85 10.57 -17.63
C GLY A 54 -16.36 9.40 -16.78
N ALA A 55 -15.09 9.43 -16.39
CA ALA A 55 -14.56 8.35 -15.57
C ALA A 55 -15.25 8.26 -14.21
N VAL A 56 -15.31 9.38 -13.50
CA VAL A 56 -15.93 9.43 -12.17
C VAL A 56 -17.41 9.06 -12.16
N GLU A 57 -18.21 9.71 -13.00
CA GLU A 57 -19.63 9.42 -13.06
C GLU A 57 -19.75 7.93 -13.21
N ALA A 58 -18.99 7.37 -14.14
CA ALA A 58 -19.00 5.93 -14.39
C ALA A 58 -18.75 5.18 -13.08
N GLY A 59 -17.79 5.69 -12.29
CA GLY A 59 -17.46 5.08 -11.01
C GLY A 59 -18.58 5.27 -10.00
N LEU A 60 -19.03 6.50 -9.83
CA LEU A 60 -20.10 6.81 -8.88
C LEU A 60 -21.36 5.98 -9.16
N LYS A 61 -21.70 5.83 -10.43
CA LYS A 61 -22.88 5.07 -10.83
C LYS A 61 -22.71 3.60 -10.48
N ALA A 62 -21.56 3.05 -10.85
CA ALA A 62 -21.25 1.64 -10.56
C ALA A 62 -21.34 1.39 -9.07
N ILE A 63 -20.71 2.27 -8.29
CA ILE A 63 -20.73 2.15 -6.85
C ILE A 63 -22.15 2.20 -6.33
N GLN A 64 -22.90 3.23 -6.74
CA GLN A 64 -24.27 3.37 -6.31
C GLN A 64 -25.09 2.18 -6.79
N ALA A 65 -24.84 1.76 -8.03
CA ALA A 65 -25.54 0.63 -8.59
C ALA A 65 -25.16 -0.66 -7.84
N GLY A 66 -24.38 -0.50 -6.77
CA GLY A 66 -23.95 -1.65 -5.98
C GLY A 66 -22.95 -2.55 -6.68
N ALA A 67 -22.25 -2.01 -7.67
CA ALA A 67 -21.27 -2.77 -8.46
C ALA A 67 -20.22 -3.55 -7.69
N ARG A 68 -19.59 -4.50 -8.38
CA ARG A 68 -18.55 -5.35 -7.82
C ARG A 68 -17.17 -4.78 -8.11
N ILE A 69 -16.31 -4.85 -7.11
CA ILE A 69 -14.94 -4.35 -7.23
C ILE A 69 -13.96 -5.51 -7.33
N LEU A 70 -13.46 -5.75 -8.53
CA LEU A 70 -12.49 -6.81 -8.76
C LEU A 70 -11.10 -6.18 -8.65
N VAL A 71 -10.28 -6.69 -7.73
CA VAL A 71 -8.95 -6.15 -7.54
C VAL A 71 -7.83 -7.16 -7.81
N ASP A 72 -6.64 -6.67 -8.13
CA ASP A 72 -5.55 -7.56 -8.46
C ASP A 72 -4.56 -7.85 -7.33
N ALA A 73 -4.95 -7.51 -6.10
CA ALA A 73 -4.08 -7.76 -4.96
C ALA A 73 -4.84 -7.70 -3.65
N ARG A 74 -4.48 -8.60 -2.75
CA ARG A 74 -5.11 -8.73 -1.44
C ARG A 74 -4.95 -7.44 -0.63
N MET A 75 -3.80 -6.79 -0.79
CA MET A 75 -3.53 -5.53 -0.10
C MET A 75 -4.66 -4.55 -0.42
N ILE A 76 -5.14 -4.58 -1.66
CA ILE A 76 -6.24 -3.69 -2.05
C ILE A 76 -7.54 -4.07 -1.36
N ALA A 77 -7.86 -5.36 -1.33
CA ALA A 77 -9.08 -5.87 -0.69
C ALA A 77 -9.15 -5.45 0.79
N CYS A 78 -8.17 -5.87 1.58
CA CYS A 78 -8.14 -5.53 2.99
C CYS A 78 -8.00 -4.04 3.22
N GLY A 79 -7.58 -3.30 2.19
CA GLY A 79 -7.42 -1.87 2.35
C GLY A 79 -8.73 -1.13 2.27
N LEU A 80 -9.69 -1.75 1.59
CA LEU A 80 -11.00 -1.14 1.44
C LEU A 80 -11.75 -1.18 2.76
N ASN A 81 -11.90 -0.02 3.39
CA ASN A 81 -12.60 0.07 4.67
C ASN A 81 -14.02 -0.48 4.53
N PRO A 82 -14.30 -1.65 5.15
CA PRO A 82 -15.62 -2.31 5.11
C PRO A 82 -16.78 -1.39 5.52
N GLU A 83 -16.49 -0.45 6.41
CA GLU A 83 -17.52 0.48 6.88
C GLU A 83 -17.92 1.43 5.75
N ARG A 84 -17.18 1.37 4.64
CA ARG A 84 -17.47 2.22 3.49
C ARG A 84 -18.07 1.38 2.36
N LEU A 85 -17.65 0.13 2.29
CA LEU A 85 -18.12 -0.80 1.27
C LEU A 85 -19.59 -1.15 1.47
N ARG A 86 -19.99 -1.22 2.74
CA ARG A 86 -21.36 -1.55 3.12
C ARG A 86 -22.39 -0.49 2.71
N LEU A 87 -21.99 0.78 2.73
CA LEU A 87 -22.89 1.87 2.37
C LEU A 87 -23.77 1.51 1.18
N PHE A 88 -23.14 1.04 0.11
CA PHE A 88 -23.88 0.63 -1.09
C PHE A 88 -23.71 -0.86 -1.29
N GLY A 89 -23.15 -1.51 -0.27
CA GLY A 89 -22.93 -2.94 -0.30
C GLY A 89 -22.27 -3.45 -1.57
N ASN A 90 -20.99 -3.14 -1.72
CA ASN A 90 -20.24 -3.56 -2.89
C ASN A 90 -19.38 -4.78 -2.59
N GLU A 91 -19.35 -5.73 -3.52
CA GLU A 91 -18.55 -6.92 -3.31
C GLU A 91 -17.15 -6.80 -3.89
N VAL A 92 -16.15 -7.05 -3.05
CA VAL A 92 -14.76 -7.02 -3.49
C VAL A 92 -14.33 -8.44 -3.83
N VAL A 93 -13.73 -8.60 -5.00
CA VAL A 93 -13.28 -9.90 -5.47
C VAL A 93 -11.78 -9.94 -5.78
N GLU A 94 -10.99 -10.51 -4.87
CA GLU A 94 -9.54 -10.65 -5.08
C GLU A 94 -9.34 -11.92 -5.91
N LEU A 95 -9.35 -11.75 -7.23
CA LEU A 95 -9.22 -12.85 -8.16
C LEU A 95 -8.02 -13.77 -7.99
N LEU A 96 -6.82 -13.24 -8.23
CA LEU A 96 -5.59 -14.03 -8.13
C LEU A 96 -5.51 -14.97 -6.92
N ALA A 97 -6.29 -14.69 -5.87
CA ALA A 97 -6.27 -15.53 -4.67
C ALA A 97 -7.45 -16.48 -4.59
N HIS A 98 -8.31 -16.47 -5.59
CA HIS A 98 -9.48 -17.35 -5.58
C HIS A 98 -9.05 -18.81 -5.76
N PRO A 99 -9.58 -19.71 -4.93
CA PRO A 99 -9.22 -21.14 -5.01
C PRO A 99 -9.33 -21.73 -6.41
N GLU A 100 -10.36 -21.35 -7.16
CA GLU A 100 -10.54 -21.87 -8.52
C GLU A 100 -9.40 -21.41 -9.41
N VAL A 101 -9.18 -20.09 -9.43
CA VAL A 101 -8.12 -19.49 -10.23
C VAL A 101 -6.80 -20.12 -9.86
N VAL A 102 -6.58 -20.25 -8.55
CA VAL A 102 -5.38 -20.86 -7.99
C VAL A 102 -5.22 -22.26 -8.55
N ALA A 103 -6.16 -23.12 -8.20
CA ALA A 103 -6.17 -24.52 -8.64
C ALA A 103 -5.65 -24.71 -10.05
N ARG A 104 -5.92 -23.73 -10.92
CA ARG A 104 -5.48 -23.79 -12.31
C ARG A 104 -4.15 -23.07 -12.50
N THR A 111 0.47 -17.58 -16.43
CA THR A 111 0.51 -16.96 -15.12
C THR A 111 -0.87 -16.93 -14.47
N ARG A 112 -0.89 -16.82 -13.14
CA ARG A 112 -2.13 -16.80 -12.37
C ARG A 112 -2.98 -15.57 -12.67
N ALA A 113 -2.42 -14.63 -13.44
CA ALA A 113 -3.14 -13.41 -13.81
C ALA A 113 -4.16 -13.72 -14.90
N GLU A 114 -3.75 -14.48 -15.90
CA GLU A 114 -4.64 -14.85 -16.99
C GLU A 114 -5.73 -15.80 -16.51
N ALA A 115 -5.42 -16.58 -15.48
CA ALA A 115 -6.37 -17.53 -14.91
C ALA A 115 -7.49 -16.80 -14.19
N ALA A 116 -7.20 -15.59 -13.72
CA ALA A 116 -8.18 -14.77 -13.01
C ALA A 116 -9.18 -14.21 -14.01
N VAL A 117 -8.66 -13.63 -15.10
CA VAL A 117 -9.51 -13.07 -16.14
C VAL A 117 -10.43 -14.14 -16.74
N ALA A 118 -9.84 -15.28 -17.09
CA ALA A 118 -10.63 -16.36 -17.68
C ALA A 118 -11.77 -16.69 -16.74
N TYR A 119 -11.44 -16.91 -15.48
CA TYR A 119 -12.42 -17.22 -14.44
C TYR A 119 -13.40 -16.06 -14.29
N ALA A 120 -13.01 -14.91 -14.84
CA ALA A 120 -13.84 -13.71 -14.79
C ALA A 120 -14.71 -13.61 -16.04
N TRP A 121 -14.14 -13.93 -17.20
CA TRP A 121 -14.90 -13.89 -18.45
C TRP A 121 -15.81 -15.11 -18.49
N GLU A 122 -15.64 -15.97 -17.48
CA GLU A 122 -16.42 -17.19 -17.36
C GLU A 122 -17.58 -17.05 -16.39
N LYS A 123 -17.94 -15.81 -16.08
CA LYS A 123 -19.06 -15.55 -15.18
C LYS A 123 -19.64 -14.16 -15.42
N GLY A 124 -19.20 -13.51 -16.49
CA GLY A 124 -19.69 -12.18 -16.81
C GLY A 124 -19.40 -11.14 -15.75
N LEU A 125 -18.39 -11.40 -14.93
CA LEU A 125 -18.01 -10.48 -13.85
C LEU A 125 -17.44 -9.17 -14.39
N LEU A 126 -16.65 -9.26 -15.47
CA LEU A 126 -16.02 -8.09 -16.08
C LEU A 126 -16.97 -6.99 -16.55
N ASP A 127 -18.22 -7.35 -16.80
CA ASP A 127 -19.20 -6.39 -17.30
C ASP A 127 -19.82 -5.53 -16.21
N GLY A 128 -19.62 -4.22 -16.32
CA GLY A 128 -20.18 -3.30 -15.34
C GLY A 128 -19.40 -3.18 -14.03
N ALA A 129 -18.46 -4.09 -13.80
CA ALA A 129 -17.67 -4.08 -12.58
C ALA A 129 -16.55 -3.04 -12.60
N ILE A 130 -16.19 -2.55 -11.42
CA ILE A 130 -15.09 -1.60 -11.28
C ILE A 130 -13.87 -2.49 -11.08
N VAL A 131 -12.85 -2.31 -11.92
CA VAL A 131 -11.63 -3.11 -11.83
C VAL A 131 -10.47 -2.25 -11.34
N GLY A 132 -9.80 -2.72 -10.29
CA GLY A 132 -8.67 -2.02 -9.73
C GLY A 132 -7.38 -2.78 -9.89
N VAL A 133 -6.45 -2.20 -10.64
CA VAL A 133 -5.16 -2.83 -10.89
C VAL A 133 -4.04 -1.97 -10.32
N GLY A 134 -3.33 -2.51 -9.35
CA GLY A 134 -2.23 -1.77 -8.75
C GLY A 134 -0.92 -2.52 -8.79
N ASN A 135 -0.95 -3.75 -9.33
CA ASN A 135 0.25 -4.57 -9.36
C ASN A 135 0.58 -5.35 -10.64
N ALA A 136 -0.36 -6.16 -11.11
CA ALA A 136 -0.14 -6.99 -12.29
C ALA A 136 -0.35 -6.34 -13.65
N PRO A 137 0.73 -5.90 -14.31
CA PRO A 137 0.58 -5.27 -15.62
C PRO A 137 0.03 -6.27 -16.64
N THR A 138 0.49 -7.51 -16.55
CA THR A 138 0.03 -8.54 -17.47
C THR A 138 -1.48 -8.68 -17.34
N PHE A 139 -1.97 -8.67 -16.11
CA PHE A 139 -3.40 -8.78 -15.85
C PHE A 139 -4.18 -7.71 -16.60
N LEU A 140 -3.64 -6.50 -16.61
CA LEU A 140 -4.29 -5.38 -17.28
C LEU A 140 -4.26 -5.56 -18.79
N LEU A 141 -3.50 -6.54 -19.26
CA LEU A 141 -3.41 -6.81 -20.68
C LEU A 141 -4.41 -7.89 -21.04
N ALA A 142 -4.67 -8.78 -20.09
CA ALA A 142 -5.63 -9.84 -20.29
C ALA A 142 -7.02 -9.21 -20.18
N LEU A 143 -7.05 -7.90 -20.00
CA LEU A 143 -8.29 -7.15 -19.87
C LEU A 143 -8.51 -6.23 -21.06
N VAL A 144 -7.45 -5.54 -21.49
CA VAL A 144 -7.56 -4.66 -22.63
C VAL A 144 -7.86 -5.48 -23.87
N GLU A 145 -7.47 -6.76 -23.83
CA GLU A 145 -7.73 -7.65 -24.94
C GLU A 145 -9.14 -8.20 -24.76
N ALA A 146 -9.46 -8.55 -23.52
CA ALA A 146 -10.78 -9.08 -23.18
C ALA A 146 -11.84 -8.01 -23.41
N ILE A 147 -11.41 -6.77 -23.48
CA ILE A 147 -12.32 -5.66 -23.74
C ILE A 147 -12.52 -5.61 -25.24
N ARG A 148 -11.48 -6.00 -25.97
CA ARG A 148 -11.55 -6.04 -27.42
C ARG A 148 -12.49 -7.15 -27.84
N GLN A 149 -12.73 -8.08 -26.90
CA GLN A 149 -13.59 -9.21 -27.15
C GLN A 149 -14.99 -9.06 -26.55
N GLY A 150 -15.41 -7.80 -26.37
CA GLY A 150 -16.74 -7.56 -25.83
C GLY A 150 -16.93 -7.16 -24.38
N ALA A 151 -16.16 -7.74 -23.47
CA ALA A 151 -16.28 -7.42 -22.04
C ALA A 151 -16.38 -5.91 -21.79
N ARG A 152 -17.33 -5.49 -20.95
CA ARG A 152 -17.48 -4.06 -20.66
C ARG A 152 -17.60 -3.70 -19.18
N PRO A 153 -16.46 -3.37 -18.55
CA PRO A 153 -16.49 -2.99 -17.14
C PRO A 153 -16.91 -1.54 -16.99
N ALA A 154 -17.50 -1.19 -15.85
CA ALA A 154 -17.93 0.18 -15.63
C ALA A 154 -16.71 1.09 -15.62
N LEU A 155 -15.71 0.74 -14.80
CA LEU A 155 -14.51 1.54 -14.71
C LEU A 155 -13.30 0.65 -14.47
N VAL A 156 -12.17 1.07 -15.05
CA VAL A 156 -10.94 0.35 -14.89
C VAL A 156 -9.85 1.26 -14.34
N LEU A 157 -9.41 0.97 -13.13
CA LEU A 157 -8.37 1.75 -12.48
C LEU A 157 -7.02 1.15 -12.88
N GLY A 158 -6.39 1.76 -13.88
CA GLY A 158 -5.13 1.25 -14.38
C GLY A 158 -3.93 1.86 -13.71
N MET A 159 -3.62 1.41 -12.50
CA MET A 159 -2.51 1.98 -11.74
C MET A 159 -1.42 1.00 -11.31
N PRO A 160 -0.98 0.12 -12.22
CA PRO A 160 0.07 -0.85 -11.89
C PRO A 160 1.38 -0.07 -11.62
N VAL A 161 2.12 -0.45 -10.58
CA VAL A 161 3.39 0.21 -10.28
C VAL A 161 4.39 -0.79 -10.84
N GLY A 162 5.49 -0.31 -11.40
CA GLY A 162 6.46 -1.24 -11.94
C GLY A 162 7.38 -0.73 -13.04
N PHE A 163 8.27 -1.62 -13.46
CA PHE A 163 9.29 -1.36 -14.46
C PHE A 163 9.22 -2.16 -15.77
N VAL A 164 8.44 -3.23 -15.78
CA VAL A 164 8.31 -4.05 -16.98
C VAL A 164 6.83 -4.28 -17.26
N ASN A 165 6.44 -4.07 -18.51
CA ASN A 165 5.06 -4.28 -18.93
C ASN A 165 4.06 -3.25 -18.39
N VAL A 166 4.57 -2.21 -17.71
CA VAL A 166 3.67 -1.21 -17.14
C VAL A 166 3.31 -0.08 -18.10
N LEU A 167 4.27 0.39 -18.89
CA LEU A 167 3.97 1.46 -19.84
C LEU A 167 3.02 0.99 -20.93
N GLU A 168 3.25 -0.19 -21.45
CA GLU A 168 2.40 -0.73 -22.51
C GLU A 168 1.00 -1.00 -21.97
N ALA A 169 0.92 -1.71 -20.84
CA ALA A 169 -0.37 -2.05 -20.24
C ALA A 169 -1.23 -0.82 -20.02
N LYS A 170 -0.61 0.30 -19.64
CA LYS A 170 -1.37 1.52 -19.42
C LYS A 170 -1.67 2.22 -20.73
N ARG A 171 -0.72 2.15 -21.66
CA ARG A 171 -0.89 2.76 -22.97
C ARG A 171 -2.08 2.06 -23.60
N ALA A 172 -2.09 0.74 -23.47
CA ALA A 172 -3.16 -0.09 -24.01
C ALA A 172 -4.51 0.35 -23.44
N LEU A 173 -4.61 0.42 -22.12
CA LEU A 173 -5.85 0.81 -21.46
C LEU A 173 -6.35 2.18 -21.85
N MET A 174 -5.42 3.11 -22.05
CA MET A 174 -5.83 4.44 -22.43
C MET A 174 -6.29 4.44 -23.89
N GLU A 175 -6.25 3.26 -24.50
CA GLU A 175 -6.67 3.06 -25.89
C GLU A 175 -7.89 2.14 -25.97
N ALA A 176 -8.27 1.54 -24.84
CA ALA A 176 -9.42 0.66 -24.81
C ALA A 176 -10.70 1.50 -24.74
N PRO A 177 -11.83 0.94 -25.22
CA PRO A 177 -13.10 1.66 -25.19
C PRO A 177 -13.87 1.47 -23.89
N VAL A 178 -13.29 1.93 -22.77
CA VAL A 178 -13.93 1.83 -21.46
C VAL A 178 -13.46 2.98 -20.59
N PRO A 179 -14.24 3.32 -19.55
CA PRO A 179 -13.84 4.43 -18.67
C PRO A 179 -12.61 4.03 -17.86
N TRP A 180 -11.68 4.96 -17.66
CA TRP A 180 -10.50 4.65 -16.88
C TRP A 180 -9.87 5.81 -16.14
N ILE A 181 -8.99 5.48 -15.20
CA ILE A 181 -8.22 6.44 -14.39
C ILE A 181 -6.87 5.75 -14.32
N VAL A 182 -5.85 6.42 -14.83
CA VAL A 182 -4.51 5.87 -14.88
C VAL A 182 -3.50 6.76 -14.18
N THR A 183 -2.41 6.14 -13.74
CA THR A 183 -1.31 6.87 -13.12
C THR A 183 -0.18 6.71 -14.16
N GLU A 184 0.00 7.75 -14.96
CA GLU A 184 1.00 7.73 -16.01
C GLU A 184 2.41 7.36 -15.56
N GLY A 185 3.11 6.64 -16.41
CA GLY A 185 4.47 6.26 -16.07
C GLY A 185 4.55 4.96 -15.29
N ARG A 186 5.65 4.82 -14.56
CA ARG A 186 5.94 3.64 -13.75
C ARG A 186 5.28 3.64 -12.36
N LYS A 187 4.79 4.81 -11.93
CA LYS A 187 4.17 4.92 -10.62
C LYS A 187 2.73 4.43 -10.50
N GLY A 188 2.36 4.06 -9.27
CA GLY A 188 1.03 3.56 -8.98
C GLY A 188 1.11 2.60 -7.80
N GLY A 189 0.21 1.62 -7.73
CA GLY A 189 0.23 0.66 -6.63
C GLY A 189 -1.06 0.49 -5.83
N SER A 190 -1.11 -0.53 -4.98
CA SER A 190 -2.29 -0.81 -4.15
C SER A 190 -2.81 0.40 -3.39
N THR A 191 -1.88 1.19 -2.84
CA THR A 191 -2.31 2.37 -2.10
C THR A 191 -3.04 3.40 -2.98
N LEU A 192 -2.63 3.53 -4.24
CA LEU A 192 -3.28 4.50 -5.10
C LEU A 192 -4.65 3.96 -5.50
N VAL A 193 -4.72 2.66 -5.75
CA VAL A 193 -6.01 2.07 -6.11
C VAL A 193 -6.97 2.26 -4.95
N VAL A 194 -6.53 1.91 -3.74
CA VAL A 194 -7.38 2.03 -2.55
C VAL A 194 -7.82 3.47 -2.33
N ALA A 195 -6.86 4.39 -2.44
CA ALA A 195 -7.15 5.81 -2.24
C ALA A 195 -8.23 6.30 -3.23
N ALA A 196 -8.09 5.93 -4.51
CA ALA A 196 -9.06 6.37 -5.50
C ALA A 196 -10.44 5.74 -5.26
N LEU A 197 -10.48 4.52 -4.73
CA LEU A 197 -11.76 3.85 -4.44
C LEU A 197 -12.46 4.50 -3.26
N HIS A 198 -11.72 4.76 -2.19
CA HIS A 198 -12.28 5.42 -1.02
C HIS A 198 -12.80 6.79 -1.42
N ALA A 199 -12.19 7.40 -2.43
CA ALA A 199 -12.63 8.72 -2.86
C ALA A 199 -13.92 8.59 -3.65
N LEU A 200 -14.04 7.51 -4.43
CA LEU A 200 -15.24 7.28 -5.22
C LEU A 200 -16.42 6.90 -4.34
N ILE A 201 -16.16 6.10 -3.31
CA ILE A 201 -17.23 5.69 -2.41
C ILE A 201 -17.69 6.90 -1.61
N ARG A 202 -16.76 7.80 -1.29
CA ARG A 202 -17.09 9.00 -0.53
C ARG A 202 -18.01 9.92 -1.32
N LEU A 203 -17.72 10.14 -2.60
CA LEU A 203 -18.55 10.99 -3.44
C LEU A 203 -19.90 10.32 -3.70
N ALA A 204 -19.85 9.07 -4.14
CA ALA A 204 -21.06 8.32 -4.44
C ALA A 204 -22.01 8.34 -3.25
N ALA A 205 -21.49 8.68 -2.09
CA ALA A 205 -22.30 8.75 -0.87
C ALA A 205 -22.64 10.19 -0.53
N ASP A 206 -21.91 11.12 -1.14
CA ASP A 206 -22.12 12.55 -0.92
C ASP A 206 -22.89 13.19 -2.07
N GLY A 207 -23.47 12.35 -2.92
CA GLY A 207 -24.24 12.84 -4.06
C GLY A 207 -23.39 13.35 -5.20
N GLY A 208 -22.11 13.57 -4.95
CA GLY A 208 -21.24 14.06 -6.00
C GLY A 208 -20.67 15.42 -5.69
N VAL A 209 -20.77 15.81 -4.42
CA VAL A 209 -20.25 17.10 -4.00
C VAL A 209 -18.92 16.92 -3.26
N GLY B 5 7.95 -15.41 -14.33
CA GLY B 5 7.33 -14.70 -13.18
C GLY B 5 8.36 -14.22 -12.17
N ARG B 6 9.24 -15.13 -11.77
CA ARG B 6 10.30 -14.81 -10.82
C ARG B 6 11.33 -13.96 -11.54
N ALA B 7 11.59 -14.33 -12.79
CA ALA B 7 12.56 -13.66 -13.63
C ALA B 7 12.23 -12.17 -13.76
N ILE B 8 10.95 -11.87 -13.94
CA ILE B 8 10.51 -10.48 -14.07
C ILE B 8 10.91 -9.69 -12.83
N GLU B 9 10.69 -10.26 -11.64
CA GLU B 9 11.05 -9.58 -10.40
C GLU B 9 12.56 -9.36 -10.31
N GLU B 10 13.33 -10.37 -10.70
CA GLU B 10 14.78 -10.24 -10.67
C GLU B 10 15.17 -9.15 -11.67
N GLU B 11 14.53 -9.18 -12.85
CA GLU B 11 14.78 -8.20 -13.89
C GLU B 11 14.49 -6.81 -13.35
N SER B 12 13.31 -6.65 -12.77
CA SER B 12 12.90 -5.37 -12.21
C SER B 12 13.86 -4.84 -11.16
N PHE B 13 14.47 -5.74 -10.38
CA PHE B 13 15.43 -5.33 -9.35
C PHE B 13 16.69 -4.82 -10.03
N ARG B 14 17.07 -5.47 -11.12
CA ARG B 14 18.23 -5.09 -11.92
C ARG B 14 18.05 -3.65 -12.34
N ILE B 15 16.90 -3.38 -12.96
CA ILE B 15 16.55 -2.06 -13.47
C ILE B 15 16.68 -0.97 -12.41
N VAL B 16 16.25 -1.26 -11.19
CA VAL B 16 16.35 -0.26 -10.15
C VAL B 16 17.83 -0.04 -9.79
N ASP B 17 18.62 -1.10 -9.78
CA ASP B 17 20.03 -0.95 -9.47
C ASP B 17 20.73 -0.12 -10.52
N GLN B 18 20.27 -0.22 -11.77
CA GLN B 18 20.86 0.52 -12.88
C GLN B 18 20.58 2.02 -12.88
N GLU B 19 19.43 2.39 -12.35
CA GLU B 19 19.02 3.79 -12.35
C GLU B 19 19.07 4.45 -10.98
N ALA B 20 19.65 3.77 -10.01
CA ALA B 20 19.75 4.30 -8.66
C ALA B 20 20.73 5.45 -8.60
N GLY B 21 21.99 5.18 -8.91
CA GLY B 21 23.01 6.20 -8.86
C GLY B 21 23.75 6.13 -7.54
N PRO B 22 24.71 7.04 -7.32
CA PRO B 22 25.50 7.06 -6.08
C PRO B 22 24.61 7.11 -4.85
N HIS B 23 24.90 6.27 -3.86
CA HIS B 23 24.10 6.28 -2.65
C HIS B 23 24.99 5.96 -1.46
N GLY B 24 24.60 6.42 -0.29
CA GLY B 24 25.40 6.14 0.89
C GLY B 24 24.88 5.01 1.76
N PHE B 25 24.54 3.87 1.16
CA PHE B 25 24.03 2.75 1.96
C PHE B 25 25.01 1.59 2.07
N SER B 26 24.89 0.84 3.16
CA SER B 26 25.75 -0.31 3.41
C SER B 26 25.30 -1.49 2.58
N PRO B 27 26.06 -2.61 2.65
CA PRO B 27 25.70 -3.81 1.89
C PRO B 27 24.39 -4.43 2.35
N LEU B 28 24.10 -4.30 3.64
CA LEU B 28 22.87 -4.85 4.21
C LEU B 28 21.70 -3.90 4.07
N GLU B 29 22.00 -2.61 4.01
CA GLU B 29 20.96 -1.61 3.92
C GLU B 29 20.41 -1.44 2.52
N TRP B 30 21.28 -1.56 1.52
CA TRP B 30 20.86 -1.37 0.15
C TRP B 30 19.67 -2.23 -0.31
N PRO B 31 19.73 -3.56 -0.11
CA PRO B 31 18.63 -4.43 -0.53
C PRO B 31 17.28 -3.96 -0.01
N VAL B 32 17.30 -3.26 1.12
CA VAL B 32 16.06 -2.77 1.69
C VAL B 32 15.56 -1.55 0.92
N VAL B 33 16.47 -0.63 0.61
CA VAL B 33 16.11 0.59 -0.10
C VAL B 33 15.70 0.30 -1.53
N ARG B 34 16.38 -0.66 -2.15
CA ARG B 34 16.10 -1.09 -3.50
C ARG B 34 14.66 -1.59 -3.58
N ARG B 35 14.31 -2.47 -2.64
CA ARG B 35 12.97 -3.05 -2.58
C ARG B 35 11.89 -1.98 -2.39
N MET B 36 12.19 -0.99 -1.55
CA MET B 36 11.23 0.07 -1.31
C MET B 36 11.01 0.90 -2.57
N ILE B 37 12.08 1.10 -3.36
CA ILE B 37 12.02 1.89 -4.60
C ILE B 37 11.29 1.05 -5.66
N HIS B 38 11.61 -0.24 -5.70
CA HIS B 38 10.98 -1.16 -6.63
C HIS B 38 9.46 -1.12 -6.39
N ALA B 39 9.06 -1.16 -5.13
CA ALA B 39 7.64 -1.16 -4.77
C ALA B 39 6.90 0.12 -5.09
N THR B 40 7.62 1.22 -5.19
CA THR B 40 6.97 2.50 -5.49
C THR B 40 7.36 3.14 -6.81
N ALA B 41 8.43 2.68 -7.43
CA ALA B 41 8.93 3.29 -8.65
C ALA B 41 9.21 4.74 -8.25
N ASP B 42 9.55 4.97 -6.98
CA ASP B 42 9.83 6.32 -6.51
C ASP B 42 11.26 6.37 -6.02
N PHE B 43 12.14 6.91 -6.86
CA PHE B 43 13.56 6.99 -6.54
C PHE B 43 13.97 7.93 -5.41
N GLU B 44 13.07 8.78 -4.94
CA GLU B 44 13.43 9.68 -3.86
C GLU B 44 13.74 8.95 -2.57
N TYR B 45 13.28 7.69 -2.46
CA TYR B 45 13.52 6.88 -1.26
C TYR B 45 15.01 6.59 -1.06
N LYS B 46 15.80 6.77 -2.10
CA LYS B 46 17.25 6.55 -1.99
C LYS B 46 17.82 7.60 -1.03
N ALA B 47 17.24 8.79 -1.10
CA ALA B 47 17.66 9.93 -0.28
C ALA B 47 16.86 10.08 1.02
N LEU B 48 15.64 9.58 1.04
CA LEU B 48 14.79 9.72 2.22
C LEU B 48 14.97 8.61 3.25
N THR B 49 15.45 7.45 2.82
CA THR B 49 15.57 6.34 3.74
C THR B 49 16.80 6.40 4.62
N ARG B 50 16.57 6.34 5.93
CA ARG B 50 17.65 6.39 6.90
C ARG B 50 17.60 5.23 7.88
N PHE B 51 18.75 4.65 8.17
CA PHE B 51 18.81 3.53 9.09
C PHE B 51 19.54 3.91 10.38
N SER B 52 19.29 3.16 11.44
CA SER B 52 20.00 3.41 12.68
C SER B 52 21.08 2.33 12.72
N GLN B 53 22.12 2.57 13.51
CA GLN B 53 23.21 1.62 13.64
C GLN B 53 22.70 0.24 14.05
N GLY B 54 23.07 -0.78 13.28
CA GLY B 54 22.65 -2.14 13.58
C GLY B 54 21.19 -2.52 13.30
N ALA B 55 20.43 -1.62 12.67
CA ALA B 55 19.01 -1.86 12.37
C ALA B 55 18.75 -3.14 11.56
N VAL B 56 19.35 -3.25 10.40
CA VAL B 56 19.15 -4.43 9.56
C VAL B 56 19.48 -5.74 10.25
N GLU B 57 20.67 -5.80 10.87
CA GLU B 57 21.10 -7.01 11.58
C GLU B 57 20.11 -7.30 12.70
N ALA B 58 19.61 -6.24 13.34
CA ALA B 58 18.64 -6.42 14.40
C ALA B 58 17.37 -7.04 13.81
N GLY B 59 17.08 -6.67 12.56
CA GLY B 59 15.90 -7.18 11.90
C GLY B 59 16.02 -8.64 11.50
N LEU B 60 17.15 -9.00 10.90
CA LEU B 60 17.35 -10.39 10.48
C LEU B 60 17.28 -11.32 11.69
N LYS B 61 18.01 -10.94 12.74
CA LYS B 61 18.04 -11.70 13.97
C LYS B 61 16.63 -11.95 14.50
N ALA B 62 15.81 -10.89 14.54
CA ALA B 62 14.44 -11.04 15.02
C ALA B 62 13.66 -11.95 14.07
N ILE B 63 13.83 -11.72 12.77
CA ILE B 63 13.13 -12.53 11.79
C ILE B 63 13.42 -14.01 12.06
N GLN B 64 14.70 -14.33 12.18
CA GLN B 64 15.17 -15.69 12.43
C GLN B 64 14.74 -16.26 13.78
N ALA B 65 14.54 -15.38 14.76
CA ALA B 65 14.14 -15.79 16.09
C ALA B 65 12.68 -16.19 16.09
N GLY B 66 11.98 -15.80 15.03
CA GLY B 66 10.57 -16.12 14.95
C GLY B 66 9.78 -14.99 15.56
N ALA B 67 10.42 -13.84 15.66
CA ALA B 67 9.81 -12.62 16.21
C ALA B 67 8.47 -12.31 15.53
N ARG B 68 7.57 -11.70 16.29
CA ARG B 68 6.26 -11.32 15.77
C ARG B 68 6.41 -10.01 15.01
N ILE B 69 5.43 -9.71 14.16
CA ILE B 69 5.44 -8.47 13.39
C ILE B 69 4.14 -7.78 13.76
N LEU B 70 4.26 -6.62 14.40
CA LEU B 70 3.09 -5.87 14.82
C LEU B 70 2.96 -4.71 13.85
N VAL B 71 1.78 -4.54 13.28
CA VAL B 71 1.59 -3.49 12.31
C VAL B 71 0.40 -2.61 12.62
N ASP B 72 0.40 -1.41 12.03
CA ASP B 72 -0.66 -0.42 12.26
C ASP B 72 -1.72 -0.32 11.16
N ALA B 73 -1.78 -1.31 10.28
CA ALA B 73 -2.78 -1.28 9.21
C ALA B 73 -2.94 -2.65 8.57
N ARG B 74 -4.17 -2.99 8.23
CA ARG B 74 -4.49 -4.26 7.61
C ARG B 74 -3.79 -4.42 6.25
N MET B 75 -3.66 -3.33 5.50
CA MET B 75 -2.99 -3.40 4.19
C MET B 75 -1.60 -4.01 4.37
N ILE B 76 -0.92 -3.63 5.45
CA ILE B 76 0.39 -4.19 5.74
C ILE B 76 0.26 -5.68 6.05
N ALA B 77 -0.69 -6.02 6.91
CA ALA B 77 -0.91 -7.40 7.29
C ALA B 77 -1.19 -8.25 6.07
N CYS B 78 -2.11 -7.79 5.22
CA CYS B 78 -2.46 -8.55 4.03
C CYS B 78 -1.41 -8.42 2.94
N GLY B 79 -0.74 -7.27 2.89
CA GLY B 79 0.27 -7.08 1.87
C GLY B 79 1.37 -8.12 1.99
N LEU B 80 1.71 -8.50 3.22
CA LEU B 80 2.76 -9.48 3.40
C LEU B 80 2.45 -10.79 2.68
N ASN B 81 3.51 -11.45 2.22
CA ASN B 81 3.40 -12.69 1.47
C ASN B 81 3.39 -13.91 2.43
N PRO B 82 2.31 -14.71 2.43
CA PRO B 82 2.18 -15.89 3.29
C PRO B 82 3.37 -16.85 3.18
N GLU B 83 3.80 -17.11 1.96
CA GLU B 83 4.94 -17.99 1.69
C GLU B 83 6.23 -17.46 2.32
N ARG B 84 6.32 -16.14 2.45
CA ARG B 84 7.53 -15.57 3.02
C ARG B 84 7.45 -15.54 4.54
N LEU B 85 6.25 -15.31 5.06
CA LEU B 85 6.05 -15.32 6.49
C LEU B 85 6.40 -16.74 6.97
N ARG B 86 6.13 -17.74 6.14
CA ARG B 86 6.37 -19.15 6.45
C ARG B 86 7.83 -19.54 6.66
N LEU B 87 8.76 -18.86 6.01
CA LEU B 87 10.17 -19.19 6.16
C LEU B 87 10.62 -19.30 7.62
N PHE B 88 10.38 -18.26 8.41
CA PHE B 88 10.76 -18.31 9.81
C PHE B 88 9.51 -18.18 10.68
N GLY B 89 8.35 -18.42 10.09
CA GLY B 89 7.10 -18.33 10.81
C GLY B 89 7.00 -17.10 11.69
N ASN B 90 6.89 -15.92 11.10
CA ASN B 90 6.78 -14.69 11.87
C ASN B 90 5.32 -14.26 11.93
N GLU B 91 4.70 -14.46 13.10
CA GLU B 91 3.30 -14.11 13.28
C GLU B 91 3.08 -12.63 13.07
N VAL B 92 1.98 -12.30 12.39
CA VAL B 92 1.64 -10.92 12.14
C VAL B 92 0.45 -10.52 13.00
N VAL B 93 0.56 -9.39 13.67
CA VAL B 93 -0.54 -8.92 14.49
C VAL B 93 -0.90 -7.48 14.13
N GLU B 94 -2.13 -7.29 13.66
CA GLU B 94 -2.66 -5.99 13.28
C GLU B 94 -3.32 -5.41 14.54
N LEU B 95 -2.66 -4.43 15.12
CA LEU B 95 -3.15 -3.81 16.35
C LEU B 95 -4.33 -2.83 16.26
N LEU B 96 -4.21 -1.79 15.44
CA LEU B 96 -5.27 -0.79 15.30
C LEU B 96 -6.66 -1.31 14.97
N ALA B 97 -6.74 -2.41 14.24
CA ALA B 97 -8.04 -2.97 13.89
C ALA B 97 -8.35 -4.17 14.78
N HIS B 98 -7.47 -4.44 15.74
CA HIS B 98 -7.64 -5.56 16.65
C HIS B 98 -8.92 -5.41 17.48
N PRO B 99 -9.65 -6.51 17.70
CA PRO B 99 -10.90 -6.53 18.47
C PRO B 99 -10.80 -5.90 19.86
N GLU B 100 -9.95 -6.49 20.71
CA GLU B 100 -9.78 -5.99 22.06
C GLU B 100 -9.41 -4.51 22.06
N VAL B 101 -8.44 -4.16 21.21
CA VAL B 101 -7.99 -2.78 21.07
C VAL B 101 -9.13 -1.83 20.72
N VAL B 102 -9.90 -2.19 19.70
CA VAL B 102 -11.01 -1.35 19.29
C VAL B 102 -12.07 -1.31 20.39
N ALA B 103 -12.19 -2.43 21.11
CA ALA B 103 -13.14 -2.55 22.20
C ALA B 103 -12.74 -1.59 23.33
N ARG B 104 -11.48 -1.65 23.73
CA ARG B 104 -10.99 -0.78 24.78
C ARG B 104 -11.15 0.65 24.28
N ALA B 105 -10.73 0.88 23.04
CA ALA B 105 -10.82 2.20 22.43
C ALA B 105 -12.19 2.85 22.65
N LYS B 106 -13.23 2.21 22.12
CA LYS B 106 -14.60 2.73 22.27
C LYS B 106 -14.93 3.01 23.72
N ALA B 107 -14.65 2.04 24.59
CA ALA B 107 -14.91 2.15 26.02
C ALA B 107 -14.57 3.55 26.51
N THR B 108 -13.28 3.78 26.78
CA THR B 108 -12.80 5.07 27.25
C THR B 108 -12.61 6.05 26.08
N THR B 111 -8.20 7.49 21.86
CA THR B 111 -7.19 7.11 20.88
C THR B 111 -7.12 5.60 20.75
N ARG B 112 -7.38 5.11 19.54
CA ARG B 112 -7.34 3.68 19.26
C ARG B 112 -5.87 3.28 19.12
N ALA B 113 -5.01 4.29 19.01
CA ALA B 113 -3.58 4.08 18.86
C ALA B 113 -2.96 3.83 20.22
N GLU B 114 -3.59 4.39 21.25
CA GLU B 114 -3.13 4.22 22.62
C GLU B 114 -3.52 2.83 23.09
N ALA B 115 -4.76 2.46 22.83
CA ALA B 115 -5.26 1.16 23.21
C ALA B 115 -4.36 0.10 22.59
N ALA B 116 -3.99 0.31 21.33
CA ALA B 116 -3.13 -0.62 20.60
C ALA B 116 -1.80 -0.90 21.32
N VAL B 117 -1.05 0.15 21.63
CA VAL B 117 0.22 -0.03 22.32
C VAL B 117 -0.01 -0.61 23.72
N ALA B 118 -0.84 0.07 24.50
CA ALA B 118 -1.17 -0.37 25.85
C ALA B 118 -1.52 -1.85 25.82
N TYR B 119 -2.39 -2.22 24.88
CA TYR B 119 -2.78 -3.62 24.74
C TYR B 119 -1.55 -4.47 24.46
N ALA B 120 -0.82 -4.11 23.40
CA ALA B 120 0.38 -4.83 22.98
C ALA B 120 1.37 -4.97 24.12
N TRP B 121 1.63 -3.87 24.82
CA TRP B 121 2.55 -3.91 25.94
C TRP B 121 2.05 -4.87 27.01
N GLU B 122 0.89 -4.56 27.59
CA GLU B 122 0.31 -5.39 28.63
C GLU B 122 0.39 -6.87 28.28
N LYS B 123 0.06 -7.20 27.04
CA LYS B 123 0.07 -8.59 26.58
C LYS B 123 1.47 -9.12 26.35
N GLY B 124 2.47 -8.25 26.50
CA GLY B 124 3.83 -8.66 26.28
C GLY B 124 4.05 -9.04 24.83
N LEU B 125 3.95 -8.05 23.94
CA LEU B 125 4.13 -8.28 22.52
C LEU B 125 5.20 -7.37 21.93
N LEU B 126 5.49 -6.28 22.63
CA LEU B 126 6.47 -5.32 22.14
C LEU B 126 7.91 -5.76 22.25
N ASP B 127 8.21 -6.55 23.27
CA ASP B 127 9.58 -6.98 23.45
C ASP B 127 9.95 -8.11 22.50
N GLY B 128 10.98 -7.84 21.70
CA GLY B 128 11.46 -8.80 20.72
C GLY B 128 10.74 -8.66 19.38
N ALA B 129 9.77 -7.77 19.32
CA ALA B 129 8.98 -7.60 18.11
C ALA B 129 9.48 -6.58 17.10
N ILE B 130 9.08 -6.79 15.85
CA ILE B 130 9.41 -5.88 14.77
C ILE B 130 8.11 -5.13 14.57
N VAL B 131 8.15 -3.81 14.71
CA VAL B 131 6.96 -3.00 14.59
C VAL B 131 6.94 -2.22 13.28
N GLY B 132 5.83 -2.36 12.55
CA GLY B 132 5.70 -1.69 11.27
C GLY B 132 4.62 -0.65 11.27
N VAL B 133 5.03 0.61 11.11
CA VAL B 133 4.07 1.71 11.08
C VAL B 133 4.14 2.43 9.74
N GLY B 134 3.02 2.43 9.01
CA GLY B 134 3.00 3.11 7.73
C GLY B 134 1.75 3.96 7.62
N ASN B 135 1.00 4.09 8.71
CA ASN B 135 -0.24 4.84 8.67
C ASN B 135 -0.65 5.69 9.87
N ALA B 136 -0.31 5.28 11.08
CA ALA B 136 -0.73 6.03 12.26
C ALA B 136 0.38 6.68 13.05
N PRO B 137 0.64 7.98 12.81
CA PRO B 137 1.68 8.75 13.48
C PRO B 137 1.51 8.77 15.01
N THR B 138 0.27 8.94 15.45
CA THR B 138 -0.01 8.97 16.88
C THR B 138 0.32 7.61 17.48
N PHE B 139 0.32 6.58 16.65
CA PHE B 139 0.65 5.25 17.14
C PHE B 139 2.15 5.21 17.42
N LEU B 140 2.94 5.78 16.51
CA LEU B 140 4.39 5.81 16.64
C LEU B 140 4.82 6.67 17.83
N LEU B 141 4.02 7.68 18.15
CA LEU B 141 4.30 8.55 19.28
C LEU B 141 4.00 7.81 20.57
N ALA B 142 2.85 7.13 20.62
CA ALA B 142 2.47 6.37 21.81
C ALA B 142 3.58 5.35 22.04
N LEU B 143 3.88 4.58 21.00
CA LEU B 143 4.93 3.56 21.07
C LEU B 143 6.27 4.12 21.54
N VAL B 144 6.62 5.31 21.05
CA VAL B 144 7.90 5.90 21.44
C VAL B 144 7.92 6.27 22.92
N GLU B 145 6.77 6.67 23.44
CA GLU B 145 6.65 7.02 24.84
C GLU B 145 6.69 5.72 25.62
N ALA B 146 6.05 4.69 25.08
CA ALA B 146 6.03 3.38 25.70
C ALA B 146 7.42 2.77 25.75
N ILE B 147 8.29 3.21 24.85
CA ILE B 147 9.66 2.71 24.79
C ILE B 147 10.47 3.33 25.93
N ARG B 148 10.11 4.56 26.31
CA ARG B 148 10.80 5.26 27.39
C ARG B 148 10.41 4.69 28.75
N GLN B 149 9.41 3.81 28.75
CA GLN B 149 8.94 3.18 29.97
C GLN B 149 9.40 1.73 30.11
N GLY B 150 10.26 1.28 29.20
CA GLY B 150 10.76 -0.09 29.29
C GLY B 150 10.40 -1.05 28.18
N ALA B 151 9.71 -0.57 27.15
CA ALA B 151 9.35 -1.44 26.04
C ALA B 151 10.58 -1.55 25.13
N ARG B 152 10.92 -2.77 24.71
CA ARG B 152 12.08 -3.00 23.86
C ARG B 152 11.80 -3.84 22.60
N PRO B 153 11.21 -3.21 21.58
CA PRO B 153 10.91 -3.92 20.33
C PRO B 153 12.25 -4.23 19.65
N ALA B 154 12.34 -5.36 18.97
CA ALA B 154 13.58 -5.70 18.30
C ALA B 154 13.92 -4.65 17.25
N LEU B 155 12.91 -4.17 16.53
CA LEU B 155 13.11 -3.17 15.48
C LEU B 155 11.83 -2.41 15.16
N VAL B 156 11.97 -1.13 14.82
CA VAL B 156 10.81 -0.31 14.50
C VAL B 156 10.94 0.38 13.14
N LEU B 157 9.99 0.10 12.26
CA LEU B 157 9.98 0.71 10.93
C LEU B 157 9.02 1.92 11.01
N GLY B 158 9.58 3.11 11.09
CA GLY B 158 8.76 4.30 11.19
C GLY B 158 8.56 4.94 9.85
N MET B 159 7.52 4.51 9.15
CA MET B 159 7.21 5.02 7.82
C MET B 159 5.78 5.51 7.64
N PRO B 160 5.26 6.32 8.58
CA PRO B 160 3.89 6.82 8.41
C PRO B 160 3.93 7.83 7.25
N VAL B 161 2.83 8.00 6.54
CA VAL B 161 2.78 8.95 5.43
C VAL B 161 1.73 9.96 5.84
N GLY B 162 1.88 11.21 5.43
CA GLY B 162 0.87 12.19 5.81
C GLY B 162 1.35 13.59 6.12
N PHE B 163 0.40 14.42 6.56
CA PHE B 163 0.66 15.83 6.86
C PHE B 163 0.35 16.25 8.29
N VAL B 164 -0.06 15.29 9.12
CA VAL B 164 -0.37 15.61 10.50
C VAL B 164 0.35 14.68 11.48
N ASN B 165 1.30 15.23 12.24
CA ASN B 165 2.06 14.49 13.25
C ASN B 165 3.16 13.59 12.68
N VAL B 166 3.24 13.50 11.36
CA VAL B 166 4.22 12.65 10.71
C VAL B 166 5.68 13.00 10.97
N LEU B 167 6.05 14.25 10.72
CA LEU B 167 7.44 14.67 10.90
C LEU B 167 7.91 14.51 12.34
N GLU B 168 7.07 14.87 13.31
CA GLU B 168 7.45 14.78 14.70
C GLU B 168 7.47 13.32 15.19
N ALA B 169 6.58 12.51 14.65
CA ALA B 169 6.50 11.10 15.03
C ALA B 169 7.81 10.40 14.66
N LYS B 170 8.36 10.77 13.50
CA LYS B 170 9.60 10.17 13.05
C LYS B 170 10.77 10.68 13.90
N ARG B 171 10.78 11.97 14.20
CA ARG B 171 11.85 12.52 15.03
C ARG B 171 11.83 11.80 16.38
N ALA B 172 10.65 11.67 16.98
CA ALA B 172 10.53 10.98 18.25
C ALA B 172 11.11 9.57 18.16
N LEU B 173 11.13 9.02 16.95
CA LEU B 173 11.66 7.66 16.77
C LEU B 173 13.18 7.67 16.53
N MET B 174 13.64 8.60 15.71
CA MET B 174 15.05 8.70 15.37
C MET B 174 15.97 9.19 16.49
N GLU B 175 15.42 9.44 17.68
CA GLU B 175 16.20 9.90 18.83
C GLU B 175 15.90 8.97 19.99
N ALA B 176 15.38 7.79 19.67
CA ALA B 176 15.01 6.80 20.67
C ALA B 176 16.04 5.67 20.77
N PRO B 177 16.00 4.89 21.89
CA PRO B 177 16.88 3.77 22.23
C PRO B 177 16.46 2.40 21.67
N VAL B 178 16.18 2.35 20.37
CA VAL B 178 15.77 1.10 19.73
C VAL B 178 16.20 1.19 18.28
N PRO B 179 16.58 0.07 17.66
CA PRO B 179 16.98 0.22 16.27
C PRO B 179 15.79 0.59 15.39
N TRP B 180 16.03 1.30 14.31
CA TRP B 180 14.93 1.68 13.46
C TRP B 180 15.32 1.98 12.03
N ILE B 181 14.31 2.11 11.18
CA ILE B 181 14.46 2.43 9.78
C ILE B 181 13.31 3.41 9.54
N VAL B 182 13.65 4.56 8.96
CA VAL B 182 12.71 5.61 8.74
C VAL B 182 12.74 6.17 7.32
N THR B 183 11.59 6.66 6.85
CA THR B 183 11.52 7.32 5.55
C THR B 183 11.33 8.79 5.94
N GLU B 184 12.40 9.55 5.81
CA GLU B 184 12.41 10.98 6.16
C GLU B 184 11.32 11.76 5.42
N GLY B 185 10.69 12.69 6.12
CA GLY B 185 9.68 13.51 5.49
C GLY B 185 8.25 13.06 5.67
N ARG B 186 7.39 13.46 4.71
CA ARG B 186 5.98 13.11 4.76
C ARG B 186 5.66 11.80 4.03
N LYS B 187 6.62 11.31 3.26
CA LYS B 187 6.43 10.09 2.50
C LYS B 187 6.62 8.83 3.33
N GLY B 188 5.93 7.78 2.91
CA GLY B 188 6.00 6.49 3.58
C GLY B 188 4.76 5.74 3.18
N GLY B 189 4.24 4.88 4.06
CA GLY B 189 3.03 4.15 3.72
C GLY B 189 3.15 2.64 3.84
N SER B 190 1.99 1.96 3.86
CA SER B 190 1.93 0.51 3.96
C SER B 190 2.85 -0.20 2.99
N THR B 191 2.84 0.26 1.74
CA THR B 191 3.68 -0.37 0.73
C THR B 191 5.18 -0.32 1.09
N LEU B 192 5.60 0.74 1.76
CA LEU B 192 7.01 0.83 2.09
C LEU B 192 7.33 -0.15 3.22
N VAL B 193 6.47 -0.24 4.23
CA VAL B 193 6.72 -1.19 5.31
C VAL B 193 6.77 -2.62 4.76
N VAL B 194 5.75 -3.00 3.99
CA VAL B 194 5.72 -4.35 3.41
C VAL B 194 7.02 -4.65 2.64
N ALA B 195 7.41 -3.74 1.74
CA ALA B 195 8.63 -3.93 0.94
C ALA B 195 9.88 -4.10 1.80
N ALA B 196 9.99 -3.27 2.84
CA ALA B 196 11.12 -3.33 3.75
C ALA B 196 11.12 -4.67 4.51
N LEU B 197 9.94 -5.11 4.96
CA LEU B 197 9.84 -6.40 5.65
C LEU B 197 10.21 -7.52 4.68
N HIS B 198 9.63 -7.51 3.48
CA HIS B 198 9.98 -8.56 2.53
C HIS B 198 11.49 -8.58 2.28
N ALA B 199 12.10 -7.40 2.24
CA ALA B 199 13.54 -7.34 2.01
C ALA B 199 14.27 -7.96 3.19
N LEU B 200 13.78 -7.71 4.41
CA LEU B 200 14.43 -8.25 5.59
C LEU B 200 14.34 -9.76 5.61
N ILE B 201 13.16 -10.29 5.28
CA ILE B 201 12.97 -11.72 5.25
C ILE B 201 13.89 -12.40 4.23
N ARG B 202 13.95 -11.85 3.02
CA ARG B 202 14.80 -12.41 1.97
C ARG B 202 16.28 -12.40 2.37
N LEU B 203 16.73 -11.34 3.02
CA LEU B 203 18.12 -11.23 3.45
C LEU B 203 18.38 -12.29 4.51
N ALA B 204 17.40 -12.47 5.39
CA ALA B 204 17.52 -13.44 6.46
C ALA B 204 17.58 -14.84 5.89
N ALA B 205 16.65 -15.13 4.97
CA ALA B 205 16.60 -16.44 4.33
C ALA B 205 17.95 -16.76 3.69
N ASP B 206 18.57 -15.73 3.12
CA ASP B 206 19.86 -15.87 2.47
C ASP B 206 20.99 -15.64 3.46
N GLY B 207 20.69 -15.84 4.74
CA GLY B 207 21.67 -15.67 5.79
C GLY B 207 22.50 -14.40 5.71
N GLY B 208 21.84 -13.27 5.46
CA GLY B 208 22.54 -11.99 5.40
C GLY B 208 23.31 -11.65 4.14
N VAL B 209 23.18 -12.48 3.11
CA VAL B 209 23.89 -12.23 1.87
C VAL B 209 22.94 -11.74 0.77
N ASP B 210 23.29 -10.60 0.17
CA ASP B 210 22.48 -10.04 -0.91
C ASP B 210 22.76 -10.87 -2.17
N THR B 211 21.93 -11.87 -2.42
CA THR B 211 22.08 -12.72 -3.58
C THR B 211 21.40 -12.08 -4.79
N SER B 212 20.54 -11.10 -4.53
CA SER B 212 19.83 -10.39 -5.59
C SER B 212 20.76 -9.36 -6.20
S SO4 C . -7.04 6.50 2.28
O1 SO4 C . -6.53 7.66 3.06
O2 SO4 C . -8.25 5.98 2.92
O3 SO4 C . -6.00 5.46 2.23
O4 SO4 C . -7.36 6.94 0.91
S SO4 D . -13.95 9.03 4.41
O1 SO4 D . -15.16 8.91 5.23
O2 SO4 D . -13.54 7.70 3.92
O3 SO4 D . -12.88 9.63 5.23
O4 SO4 D . -14.23 9.94 3.27
S SO4 E . 7.29 -6.37 -2.56
O1 SO4 E . 6.13 -6.34 -1.65
O2 SO4 E . 7.59 -7.76 -2.96
O3 SO4 E . 8.46 -5.82 -1.87
O4 SO4 E . 6.98 -5.57 -3.76
S SO4 F . 11.59 -12.53 -2.63
O1 SO4 F . 10.56 -11.88 -1.79
O2 SO4 F . 11.85 -13.89 -2.13
O3 SO4 F . 12.83 -11.73 -2.58
O4 SO4 F . 11.11 -12.59 -4.02
S SO4 G . 3.79 17.33 11.34
O1 SO4 G . 2.43 17.65 11.78
O2 SO4 G . 4.65 17.00 12.50
O3 SO4 G . 4.36 18.48 10.62
O4 SO4 G . 3.73 16.16 10.41
CL CL H . 19.00 11.16 -7.34
#